data_3WNG
#
_entry.id   3WNG
#
_cell.length_a   50.250
_cell.length_b   50.250
_cell.length_c   102.710
_cell.angle_alpha   90.00
_cell.angle_beta   90.00
_cell.angle_gamma   120.00
#
_symmetry.space_group_name_H-M   'P 32'
#
loop_
_entity.id
_entity.type
_entity.pdbx_description
1 polymer 'Gag-Pol polyprotein'
2 polymer 'PKIDN(DPR) peptide'
3 non-polymer 'CADMIUM ION'
4 non-polymer 'CHLORIDE ION'
5 non-polymer 'SULFATE ION'
6 water water
#
loop_
_entity_poly.entity_id
_entity_poly.type
_entity_poly.pdbx_seq_one_letter_code
_entity_poly.pdbx_strand_id
1 'polypeptide(L)'
;SSPGIWQLDCTHLEGKVILVAVHVASGYIEAEVIPAETGQETAYFLLKLAGRWPVKTVHTDNGSNFTGATVRAACDWAGI
KQEDGIPYNPQSQGVIESMNKELKKIIGQVRDQAEHLKTAVQMAVFIHNHKRKGGIGGYSAGERIVDIIATDIQTKE
;
A,B
2 'polypeptide(L)' PKIDN(DPR) C,D
#
# COMPACT_ATOMS: atom_id res chain seq x y z
N SER A 2 -12.79 12.35 11.31
CA SER A 2 -12.45 13.02 10.01
C SER A 2 -10.98 12.83 9.54
N PRO A 3 -10.03 12.61 10.48
CA PRO A 3 -8.76 12.00 10.03
C PRO A 3 -8.96 10.61 9.46
N GLY A 4 -10.11 10.00 9.77
CA GLY A 4 -10.36 8.58 9.47
C GLY A 4 -11.20 8.38 8.23
N ILE A 5 -11.52 9.42 7.46
CA ILE A 5 -12.50 9.31 6.41
C ILE A 5 -11.84 9.18 5.03
N TRP A 6 -12.21 8.13 4.26
CA TRP A 6 -11.68 7.87 2.92
C TRP A 6 -12.84 7.75 1.99
N GLN A 7 -12.58 8.10 0.73
CA GLN A 7 -13.53 7.91 -0.32
C GLN A 7 -12.95 6.91 -1.31
N LEU A 8 -13.74 5.93 -1.75
CA LEU A 8 -13.26 4.90 -2.67
C LEU A 8 -14.00 5.03 -3.97
N ASP A 9 -13.29 5.15 -5.08
CA ASP A 9 -13.96 5.27 -6.37
C ASP A 9 -13.32 4.37 -7.36
N CYS A 10 -14.04 4.08 -8.43
CA CYS A 10 -13.40 3.31 -9.47
C CYS A 10 -13.20 4.15 -10.72
N THR A 11 -12.23 3.71 -11.50
CA THR A 11 -11.87 4.39 -12.78
C THR A 11 -11.30 3.36 -13.77
N HIS A 12 -11.41 3.65 -15.08
CA HIS A 12 -11.24 2.59 -16.07
C HIS A 12 -10.28 3.10 -17.14
N LEU A 13 -9.29 2.28 -17.49
CA LEU A 13 -8.34 2.64 -18.58
C LEU A 13 -7.86 1.42 -19.28
N GLU A 14 -7.74 1.47 -20.64
CA GLU A 14 -7.25 0.30 -21.35
C GLU A 14 -8.01 -1.00 -21.11
N GLY A 15 -9.29 -0.89 -20.76
CA GLY A 15 -10.08 -2.09 -20.53
C GLY A 15 -9.84 -2.66 -19.13
N LYS A 16 -9.13 -1.89 -18.30
CA LYS A 16 -8.72 -2.44 -16.97
C LYS A 16 -9.38 -1.59 -15.89
N VAL A 17 -9.46 -2.14 -14.65
CA VAL A 17 -10.19 -1.54 -13.55
C VAL A 17 -9.15 -1.03 -12.52
N ILE A 18 -9.29 0.24 -12.12
CA ILE A 18 -8.41 0.86 -11.15
C ILE A 18 -9.28 1.29 -9.95
N LEU A 19 -8.96 0.83 -8.74
CA LEU A 19 -9.62 1.44 -7.59
C LEU A 19 -8.71 2.53 -7.00
N VAL A 20 -9.36 3.60 -6.53
CA VAL A 20 -8.71 4.78 -5.99
C VAL A 20 -9.31 5.07 -4.67
N ALA A 21 -8.46 5.03 -3.62
CA ALA A 21 -8.90 5.49 -2.32
C ALA A 21 -8.27 6.86 -2.00
N VAL A 22 -9.13 7.81 -1.64
CA VAL A 22 -8.60 9.15 -1.35
C VAL A 22 -8.85 9.48 0.12
N HIS A 23 -7.81 9.92 0.86
CA HIS A 23 -8.00 10.39 2.21
C HIS A 23 -8.52 11.81 2.05
N VAL A 24 -9.75 11.99 2.48
CA VAL A 24 -10.50 13.19 2.05
C VAL A 24 -9.82 14.49 2.52
N ALA A 25 -9.32 14.49 3.75
CA ALA A 25 -8.77 15.67 4.40
C ALA A 25 -7.40 16.11 3.81
N SER A 26 -6.65 15.18 3.20
CA SER A 26 -5.33 15.48 2.71
C SER A 26 -5.20 15.48 1.24
N GLY A 27 -6.06 14.67 0.56
CA GLY A 27 -5.98 14.41 -0.88
C GLY A 27 -4.96 13.34 -1.24
N TYR A 28 -4.37 12.70 -0.23
CA TYR A 28 -3.40 11.58 -0.47
C TYR A 28 -4.18 10.43 -1.12
N ILE A 29 -3.57 9.67 -2.06
CA ILE A 29 -4.29 8.54 -2.66
C ILE A 29 -3.54 7.20 -2.62
N GLU A 30 -4.28 6.12 -2.64
CA GLU A 30 -3.72 4.78 -2.85
C GLU A 30 -4.56 4.30 -3.99
N ALA A 31 -3.93 3.74 -4.98
CA ALA A 31 -4.71 3.21 -6.16
C ALA A 31 -4.01 2.00 -6.68
N GLU A 32 -4.76 1.06 -7.26
CA GLU A 32 -4.16 -0.12 -7.83
C GLU A 32 -5.06 -0.63 -8.93
N VAL A 33 -4.44 -1.20 -9.97
CA VAL A 33 -5.25 -1.98 -10.95
C VAL A 33 -5.71 -3.25 -10.25
N ILE A 34 -6.98 -3.64 -10.49
CA ILE A 34 -7.51 -4.92 -9.95
C ILE A 34 -8.07 -5.76 -11.12
N PRO A 35 -8.14 -7.12 -10.98
CA PRO A 35 -8.51 -7.94 -12.16
C PRO A 35 -9.96 -7.73 -12.57
N ALA A 36 -10.80 -7.36 -11.58
CA ALA A 36 -12.22 -7.17 -11.89
C ALA A 36 -12.89 -6.44 -10.73
N GLU A 37 -13.99 -5.74 -11.04
CA GLU A 37 -14.69 -4.94 -10.04
C GLU A 37 -15.71 -5.75 -9.25
N THR A 38 -15.20 -6.66 -8.42
CA THR A 38 -16.06 -7.61 -7.76
C THR A 38 -15.98 -7.34 -6.25
N GLY A 39 -16.99 -7.79 -5.53
CA GLY A 39 -16.91 -7.72 -4.05
C GLY A 39 -15.57 -8.24 -3.50
N GLN A 40 -15.12 -9.43 -3.91
CA GLN A 40 -13.89 -9.97 -3.39
C GLN A 40 -12.68 -9.12 -3.58
N GLU A 41 -12.49 -8.60 -4.79
CA GLU A 41 -11.31 -7.79 -5.07
C GLU A 41 -11.41 -6.45 -4.37
N THR A 42 -12.62 -5.89 -4.24
CA THR A 42 -12.82 -4.62 -3.53
C THR A 42 -12.52 -4.81 -2.01
N ALA A 43 -13.02 -5.93 -1.49
CA ALA A 43 -12.76 -6.28 -0.08
C ALA A 43 -11.25 -6.42 0.22
N TYR A 44 -10.50 -7.12 -0.63
CA TYR A 44 -9.05 -7.26 -0.49
C TYR A 44 -8.38 -5.88 -0.48
N PHE A 45 -8.77 -5.05 -1.46
CA PHE A 45 -8.20 -3.69 -1.55
C PHE A 45 -8.46 -2.91 -0.23
N LEU A 46 -9.67 -2.99 0.32
CA LEU A 46 -9.93 -2.23 1.57
C LEU A 46 -9.21 -2.83 2.79
N LEU A 47 -9.14 -4.18 2.85
CA LEU A 47 -8.34 -4.78 3.92
C LEU A 47 -6.86 -4.31 3.87
N LYS A 48 -6.25 -4.29 2.69
CA LYS A 48 -4.93 -3.70 2.58
C LYS A 48 -4.84 -2.26 3.10
N LEU A 49 -5.76 -1.40 2.63
CA LEU A 49 -5.76 -0.01 3.04
C LEU A 49 -5.85 0.12 4.58
N ALA A 50 -6.75 -0.66 5.15
CA ALA A 50 -7.06 -0.54 6.60
C ALA A 50 -5.90 -0.98 7.49
N GLY A 51 -5.01 -1.81 6.95
CA GLY A 51 -3.83 -2.24 7.74
C GLY A 51 -2.74 -1.19 7.72
N ARG A 52 -2.85 -0.22 6.83
CA ARG A 52 -1.77 0.74 6.49
C ARG A 52 -2.06 2.08 7.13
N TRP A 53 -3.35 2.44 7.23
CA TRP A 53 -3.79 3.74 7.71
C TRP A 53 -4.93 3.51 8.69
N PRO A 54 -5.26 4.49 9.55
CA PRO A 54 -6.38 4.26 10.52
C PRO A 54 -7.71 4.67 9.90
N VAL A 55 -8.30 3.73 9.17
CA VAL A 55 -9.46 4.00 8.34
C VAL A 55 -10.73 3.72 9.18
N LYS A 56 -11.49 4.76 9.46
CA LYS A 56 -12.71 4.64 10.29
C LYS A 56 -14.00 4.57 9.42
N THR A 57 -14.10 5.40 8.37
CA THR A 57 -15.23 5.44 7.50
C THR A 57 -14.80 5.43 6.03
N VAL A 58 -15.41 4.61 5.19
N VAL A 58 -15.45 4.59 5.25
CA VAL A 58 -15.09 4.63 3.74
CA VAL A 58 -15.30 4.68 3.83
C VAL A 58 -16.39 4.86 2.94
C VAL A 58 -16.62 5.10 3.20
N HIS A 59 -16.46 5.97 2.20
CA HIS A 59 -17.62 6.34 1.35
C HIS A 59 -17.42 5.76 -0.02
N THR A 60 -18.41 5.01 -0.50
CA THR A 60 -18.23 4.26 -1.77
C THR A 60 -19.36 4.67 -2.71
N ASP A 61 -19.28 4.21 -3.96
CA ASP A 61 -20.37 4.53 -4.82
C ASP A 61 -21.63 3.67 -4.63
N ASN A 62 -21.58 2.65 -3.79
CA ASN A 62 -22.69 1.76 -3.42
C ASN A 62 -23.25 0.88 -4.53
N GLY A 63 -22.47 0.69 -5.58
CA GLY A 63 -22.88 -0.18 -6.71
C GLY A 63 -22.71 -1.62 -6.47
N SER A 64 -22.62 -2.36 -7.57
CA SER A 64 -22.84 -3.81 -7.55
C SER A 64 -21.88 -4.54 -6.63
N ASN A 65 -20.65 -4.06 -6.53
CA ASN A 65 -19.62 -4.76 -5.76
C ASN A 65 -19.81 -4.57 -4.24
N PHE A 66 -20.86 -3.81 -3.86
CA PHE A 66 -21.12 -3.53 -2.47
C PHE A 66 -22.40 -4.15 -2.00
N THR A 67 -23.09 -4.89 -2.86
CA THR A 67 -24.39 -5.41 -2.45
C THR A 67 -24.22 -6.82 -1.78
N GLY A 68 -23.02 -7.38 -1.86
CA GLY A 68 -22.85 -8.76 -1.48
C GLY A 68 -22.40 -8.82 -0.02
N ALA A 69 -21.73 -9.90 0.31
CA ALA A 69 -21.26 -10.08 1.69
C ALA A 69 -19.82 -9.74 1.88
N THR A 70 -19.00 -9.72 0.83
CA THR A 70 -17.58 -9.78 1.08
C THR A 70 -17.03 -8.44 1.52
N VAL A 71 -17.41 -7.36 0.84
CA VAL A 71 -16.92 -6.09 1.34
C VAL A 71 -17.45 -5.80 2.81
N ARG A 72 -18.72 -6.14 3.06
CA ARG A 72 -19.33 -5.92 4.36
C ARG A 72 -18.53 -6.71 5.41
N ALA A 73 -18.13 -7.91 5.09
CA ALA A 73 -17.42 -8.83 6.08
C ALA A 73 -16.04 -8.23 6.38
N ALA A 74 -15.37 -7.73 5.36
CA ALA A 74 -14.04 -7.12 5.60
C ALA A 74 -14.10 -5.84 6.33
N CYS A 75 -15.10 -4.98 6.09
CA CYS A 75 -15.22 -3.73 6.78
C CYS A 75 -15.63 -4.03 8.26
N ASP A 76 -16.47 -5.05 8.51
CA ASP A 76 -16.95 -5.38 9.89
C ASP A 76 -15.65 -5.78 10.62
N TRP A 77 -14.84 -6.64 10.05
CA TRP A 77 -13.63 -7.18 10.71
C TRP A 77 -12.66 -6.09 11.06
N ALA A 78 -12.41 -5.22 10.07
CA ALA A 78 -11.51 -4.12 10.23
C ALA A 78 -12.06 -2.91 11.03
N GLY A 79 -13.36 -2.91 11.35
CA GLY A 79 -13.96 -1.81 12.09
C GLY A 79 -14.18 -0.57 11.25
N ILE A 80 -14.51 -0.77 9.97
CA ILE A 80 -14.75 0.35 9.10
C ILE A 80 -16.27 0.53 8.87
N LYS A 81 -16.76 1.74 9.09
CA LYS A 81 -18.18 2.07 8.82
C LYS A 81 -18.36 2.40 7.35
N GLN A 82 -19.41 1.86 6.75
CA GLN A 82 -19.82 2.26 5.37
C GLN A 82 -21.04 3.23 5.41
N ILE A 96 -14.08 15.58 -7.26
CA ILE A 96 -13.17 14.44 -7.03
C ILE A 96 -13.40 13.31 -8.07
N GLU A 97 -14.37 13.49 -8.98
CA GLU A 97 -14.30 12.90 -10.34
C GLU A 97 -13.15 13.67 -11.06
N SER A 98 -12.84 14.83 -10.48
CA SER A 98 -11.63 15.58 -10.71
C SER A 98 -10.37 14.73 -10.41
N MET A 99 -10.43 13.96 -9.31
CA MET A 99 -9.32 13.11 -8.86
C MET A 99 -9.00 11.97 -9.81
N ASN A 100 -10.02 11.27 -10.32
CA ASN A 100 -9.83 10.31 -11.42
C ASN A 100 -9.25 10.97 -12.66
N LYS A 101 -9.67 12.21 -12.93
CA LYS A 101 -9.16 12.94 -14.10
C LYS A 101 -7.69 13.35 -13.85
N GLU A 102 -7.39 13.88 -12.67
CA GLU A 102 -5.99 14.24 -12.32
C GLU A 102 -5.13 12.95 -12.39
N LEU A 103 -5.57 11.88 -11.75
CA LEU A 103 -4.73 10.68 -11.87
C LEU A 103 -4.56 10.24 -13.32
N LYS A 104 -5.61 10.25 -14.14
CA LYS A 104 -5.44 9.79 -15.50
C LYS A 104 -4.48 10.70 -16.31
N LYS A 105 -4.53 11.99 -16.04
CA LYS A 105 -3.61 12.94 -16.64
C LYS A 105 -2.17 12.50 -16.31
N ILE A 106 -1.91 12.12 -15.04
CA ILE A 106 -0.51 11.81 -14.68
C ILE A 106 -0.19 10.49 -15.33
N ILE A 107 -1.10 9.50 -15.28
CA ILE A 107 -0.77 8.25 -15.94
C ILE A 107 -0.44 8.49 -17.39
N GLY A 108 -1.13 9.42 -18.04
CA GLY A 108 -0.81 9.57 -19.50
C GLY A 108 0.60 10.13 -19.66
N GLN A 109 1.05 10.88 -18.71
CA GLN A 109 2.37 11.47 -18.89
C GLN A 109 3.53 10.45 -18.65
N VAL A 110 3.25 9.33 -17.98
CA VAL A 110 4.32 8.32 -17.71
C VAL A 110 4.08 7.01 -18.43
N ARG A 111 2.96 6.95 -19.11
CA ARG A 111 2.55 5.70 -19.66
C ARG A 111 3.57 5.04 -20.55
N ASP A 112 4.29 5.82 -21.37
CA ASP A 112 5.15 5.15 -22.36
C ASP A 112 6.46 4.70 -21.73
N GLN A 113 6.65 5.02 -20.45
CA GLN A 113 7.80 4.58 -19.68
C GLN A 113 7.72 3.18 -19.08
N ALA A 114 6.53 2.61 -19.08
CA ALA A 114 6.27 1.36 -18.45
C ALA A 114 5.60 0.51 -19.51
N GLU A 115 5.91 -0.79 -19.53
CA GLU A 115 5.16 -1.70 -20.40
C GLU A 115 3.75 -1.92 -19.83
N HIS A 116 3.61 -2.13 -18.52
CA HIS A 116 2.30 -2.53 -17.96
C HIS A 116 1.58 -1.35 -17.36
N LEU A 117 0.27 -1.29 -17.52
CA LEU A 117 -0.53 -0.18 -16.98
C LEU A 117 -0.34 -0.13 -15.44
N LYS A 118 -0.26 -1.30 -14.80
CA LYS A 118 -0.19 -1.30 -13.35
C LYS A 118 1.01 -0.53 -12.85
N THR A 119 2.15 -0.68 -13.55
CA THR A 119 3.36 0.09 -13.22
C THR A 119 3.14 1.59 -13.39
N ALA A 120 2.52 1.99 -14.55
CA ALA A 120 2.25 3.40 -14.79
C ALA A 120 1.37 3.98 -13.66
N VAL A 121 0.40 3.19 -13.21
CA VAL A 121 -0.51 3.65 -12.13
C VAL A 121 0.30 3.95 -10.92
N GLN A 122 1.21 3.05 -10.53
CA GLN A 122 1.94 3.32 -9.32
C GLN A 122 2.89 4.52 -9.49
N MET A 123 3.47 4.74 -10.71
CA MET A 123 4.31 5.91 -10.89
C MET A 123 3.47 7.14 -10.67
N ALA A 124 2.22 7.06 -11.10
CA ALA A 124 1.30 8.20 -10.97
C ALA A 124 0.89 8.52 -9.55
N VAL A 125 0.69 7.46 -8.76
CA VAL A 125 0.42 7.61 -7.33
C VAL A 125 1.66 8.28 -6.71
N PHE A 126 2.89 7.82 -7.02
CA PHE A 126 4.08 8.42 -6.51
C PHE A 126 4.11 9.94 -6.83
N ILE A 127 3.89 10.26 -8.09
CA ILE A 127 3.95 11.67 -8.51
C ILE A 127 2.87 12.47 -7.74
N HIS A 128 1.63 11.98 -7.77
CA HIS A 128 0.56 12.70 -7.04
C HIS A 128 0.83 12.95 -5.55
N ASN A 129 1.27 11.89 -4.85
CA ASN A 129 1.51 11.98 -3.43
C ASN A 129 2.74 12.81 -3.04
N HIS A 130 3.75 12.90 -3.91
CA HIS A 130 4.95 13.61 -3.53
C HIS A 130 5.04 15.00 -4.13
N LYS A 131 4.17 15.37 -5.09
CA LYS A 131 4.31 16.72 -5.75
C LYS A 131 4.11 17.83 -4.73
N ARG A 132 4.99 18.84 -4.79
CA ARG A 132 4.88 20.08 -3.94
C ARG A 132 4.44 21.26 -4.75
N LYS A 133 3.19 21.69 -4.51
CA LYS A 133 2.52 22.74 -5.33
C LYS A 133 2.93 24.20 -5.03
N GLY A 134 3.82 24.38 -4.05
CA GLY A 134 4.56 25.64 -3.85
C GLY A 134 6.07 25.42 -3.96
N GLY A 137 7.25 26.22 1.14
CA GLY A 137 6.74 25.87 2.47
C GLY A 137 5.42 25.13 2.40
N GLY A 138 4.96 24.85 1.17
CA GLY A 138 3.64 24.24 0.89
C GLY A 138 3.71 22.76 0.54
N TYR A 139 3.36 21.92 1.52
CA TYR A 139 3.51 20.44 1.53
C TYR A 139 2.91 19.54 0.42
N SER A 140 3.34 18.29 0.43
CA SER A 140 2.74 17.29 -0.51
C SER A 140 1.55 16.63 0.19
N ALA A 141 0.73 15.90 -0.57
CA ALA A 141 -0.36 15.07 0.04
C ALA A 141 0.18 14.07 1.05
N GLY A 142 1.35 13.47 0.76
CA GLY A 142 2.00 12.53 1.67
C GLY A 142 2.38 13.18 2.98
N GLU A 143 2.87 14.44 2.93
CA GLU A 143 3.19 15.19 4.16
C GLU A 143 1.91 15.57 4.90
N ARG A 144 0.88 15.98 4.13
CA ARG A 144 -0.41 16.43 4.69
C ARG A 144 -1.10 15.29 5.47
N ILE A 145 -1.19 14.11 4.85
CA ILE A 145 -1.75 13.00 5.64
C ILE A 145 -1.03 12.61 6.91
N VAL A 146 0.32 12.62 6.93
CA VAL A 146 1.01 12.21 8.14
C VAL A 146 0.80 13.28 9.22
N ASP A 147 0.87 14.53 8.80
CA ASP A 147 0.64 15.68 9.72
C ASP A 147 -0.79 15.64 10.34
N ILE A 148 -1.82 15.46 9.48
CA ILE A 148 -3.20 15.31 9.97
C ILE A 148 -3.37 14.13 10.96
N ILE A 149 -2.87 12.93 10.64
CA ILE A 149 -2.96 11.80 11.57
C ILE A 149 -2.13 11.96 12.84
N ALA A 150 -0.93 12.52 12.71
CA ALA A 150 -0.10 12.62 13.94
C ALA A 150 -0.74 13.61 14.92
N THR A 151 -1.30 14.70 14.40
CA THR A 151 -1.98 15.72 15.21
C THR A 151 -3.17 15.14 15.95
N ASP A 152 -3.95 14.36 15.25
CA ASP A 152 -5.03 13.66 15.89
C ASP A 152 -4.59 12.59 16.90
N ILE A 153 -3.46 11.89 16.69
CA ILE A 153 -3.11 10.85 17.67
C ILE A 153 -2.96 11.44 19.09
N GLN A 154 -2.19 12.51 19.24
CA GLN A 154 -1.96 13.10 20.58
C GLN A 154 -3.21 13.70 21.31
N SER B 1 17.66 10.72 7.93
CA SER B 1 18.31 9.48 8.42
C SER B 1 17.31 8.31 8.51
N SER B 2 17.19 7.80 9.73
CA SER B 2 16.29 6.73 10.05
C SER B 2 14.76 7.09 10.00
N PRO B 3 14.37 8.30 9.52
CA PRO B 3 12.93 8.28 9.10
C PRO B 3 12.68 7.53 7.79
N GLY B 4 13.68 7.51 6.89
CA GLY B 4 13.47 7.07 5.50
C GLY B 4 14.03 5.70 5.25
N ILE B 5 14.46 4.99 6.31
CA ILE B 5 15.13 3.69 6.11
C ILE B 5 14.18 2.50 6.27
N TRP B 6 14.13 1.64 5.25
CA TRP B 6 13.30 0.42 5.26
C TRP B 6 14.17 -0.76 5.02
N GLN B 7 13.73 -1.90 5.53
CA GLN B 7 14.38 -3.15 5.25
C GLN B 7 13.38 -4.07 4.52
N LEU B 8 13.81 -4.78 3.49
CA LEU B 8 12.93 -5.64 2.69
C LEU B 8 13.44 -7.04 2.81
N ASP B 9 12.54 -7.98 3.17
CA ASP B 9 12.91 -9.39 3.30
C ASP B 9 11.85 -10.21 2.68
N CYS B 10 12.23 -11.42 2.29
CA CYS B 10 11.25 -12.33 1.78
C CYS B 10 11.02 -13.45 2.80
N THR B 11 9.84 -14.00 2.69
CA THR B 11 9.42 -15.14 3.52
C THR B 11 8.42 -16.02 2.76
N HIS B 12 8.33 -17.30 3.16
CA HIS B 12 7.68 -18.32 2.31
C HIS B 12 6.68 -19.11 3.13
N LEU B 13 5.48 -19.26 2.58
CA LEU B 13 4.43 -20.09 3.23
C LEU B 13 3.58 -20.71 2.22
N GLU B 14 3.20 -22.01 2.45
CA GLU B 14 2.32 -22.70 1.51
C GLU B 14 2.85 -22.69 0.09
N GLY B 15 4.16 -22.64 -0.06
CA GLY B 15 4.74 -22.62 -1.43
C GLY B 15 4.58 -21.28 -2.17
N LYS B 16 4.22 -20.24 -1.42
CA LYS B 16 3.99 -18.91 -2.05
C LYS B 16 5.02 -17.94 -1.45
N VAL B 17 5.25 -16.81 -2.12
CA VAL B 17 6.32 -15.86 -1.78
C VAL B 17 5.63 -14.60 -1.19
N ILE B 18 6.15 -14.16 -0.03
CA ILE B 18 5.62 -12.97 0.65
C ILE B 18 6.81 -12.00 0.74
N LEU B 19 6.66 -10.77 0.26
CA LEU B 19 7.67 -9.73 0.60
C LEU B 19 7.18 -8.93 1.80
N VAL B 20 8.14 -8.54 2.65
CA VAL B 20 7.89 -7.79 3.85
C VAL B 20 8.80 -6.61 3.85
N ALA B 21 8.23 -5.37 3.96
CA ALA B 21 9.02 -4.21 4.11
C ALA B 21 8.79 -3.69 5.52
N VAL B 22 9.88 -3.47 6.24
CA VAL B 22 9.78 -3.01 7.62
C VAL B 22 10.39 -1.64 7.71
N HIS B 23 9.62 -0.68 8.24
CA HIS B 23 10.20 0.61 8.58
C HIS B 23 10.95 0.47 9.89
N VAL B 24 12.26 0.62 9.77
CA VAL B 24 13.16 0.13 10.82
C VAL B 24 12.88 0.84 12.13
N ALA B 25 12.67 2.15 12.05
CA ALA B 25 12.52 2.96 13.26
C ALA B 25 11.24 2.66 14.08
N SER B 26 10.16 2.22 13.42
CA SER B 26 8.86 2.08 14.06
C SER B 26 8.45 0.66 14.23
N GLY B 27 8.92 -0.22 13.32
CA GLY B 27 8.52 -1.60 13.28
C GLY B 27 7.24 -1.81 12.47
N TYR B 28 6.71 -0.73 11.86
CA TYR B 28 5.53 -0.84 10.97
C TYR B 28 5.85 -1.68 9.74
N ILE B 29 4.91 -2.51 9.23
CA ILE B 29 5.26 -3.34 8.07
C ILE B 29 4.25 -3.20 6.93
N GLU B 30 4.73 -3.41 5.73
CA GLU B 30 3.86 -3.58 4.56
C GLU B 30 4.26 -4.93 4.02
N ALA B 31 3.32 -5.78 3.70
CA ALA B 31 3.73 -7.11 3.21
C ALA B 31 2.69 -7.52 2.23
N GLU B 32 3.07 -8.31 1.24
CA GLU B 32 2.11 -8.95 0.38
C GLU B 32 2.60 -10.19 -0.29
N VAL B 33 1.64 -11.04 -0.65
CA VAL B 33 2.00 -12.21 -1.48
C VAL B 33 2.29 -11.75 -2.91
N ILE B 34 3.39 -12.24 -3.48
CA ILE B 34 3.71 -11.94 -4.93
C ILE B 34 3.82 -13.28 -5.69
N PRO B 35 3.58 -13.30 -7.04
CA PRO B 35 3.55 -14.49 -7.92
C PRO B 35 4.86 -15.24 -7.89
N ALA B 36 5.95 -14.45 -7.78
CA ALA B 36 7.29 -15.03 -7.87
C ALA B 36 8.33 -14.04 -7.43
N GLU B 37 9.45 -14.55 -6.94
CA GLU B 37 10.50 -13.68 -6.37
C GLU B 37 11.47 -13.20 -7.45
N THR B 38 10.93 -12.38 -8.36
CA THR B 38 11.71 -11.90 -9.51
C THR B 38 11.99 -10.43 -9.36
N GLY B 39 12.95 -9.94 -10.15
CA GLY B 39 13.25 -8.52 -10.15
C GLY B 39 11.98 -7.70 -10.47
N GLN B 40 11.25 -8.08 -11.50
CA GLN B 40 10.09 -7.38 -11.85
C GLN B 40 9.05 -7.24 -10.72
N GLU B 41 8.73 -8.33 -10.01
CA GLU B 41 7.69 -8.26 -9.00
C GLU B 41 8.25 -7.50 -7.79
N THR B 42 9.55 -7.61 -7.53
CA THR B 42 10.16 -6.91 -6.43
C THR B 42 10.15 -5.36 -6.67
N ALA B 43 10.51 -5.00 -7.90
CA ALA B 43 10.50 -3.62 -8.32
C ALA B 43 9.06 -3.02 -8.16
N TYR B 44 8.02 -3.71 -8.63
CA TYR B 44 6.62 -3.27 -8.49
C TYR B 44 6.28 -3.05 -7.03
N PHE B 45 6.62 -4.03 -6.19
CA PHE B 45 6.37 -3.87 -4.74
C PHE B 45 7.10 -2.62 -4.18
N LEU B 46 8.36 -2.36 -4.58
CA LEU B 46 9.04 -1.18 -4.04
C LEU B 46 8.46 0.16 -4.60
N LEU B 47 8.08 0.14 -5.87
N LEU B 47 8.05 0.19 -5.88
CA LEU B 47 7.44 1.30 -6.44
CA LEU B 47 7.38 1.42 -6.38
C LEU B 47 6.14 1.67 -5.72
C LEU B 47 6.11 1.71 -5.64
N LYS B 48 5.30 0.67 -5.43
CA LYS B 48 4.15 0.89 -4.58
C LYS B 48 4.49 1.49 -3.20
N LEU B 49 5.46 0.89 -2.49
CA LEU B 49 5.86 1.35 -1.18
C LEU B 49 6.29 2.84 -1.24
N ALA B 50 7.14 3.13 -2.24
CA ALA B 50 7.73 4.46 -2.38
C ALA B 50 6.70 5.58 -2.66
N GLY B 51 5.54 5.23 -3.22
CA GLY B 51 4.49 6.26 -3.44
C GLY B 51 3.66 6.55 -2.20
N ARG B 52 3.76 5.68 -1.21
CA ARG B 52 2.93 5.67 -0.02
C ARG B 52 3.65 6.28 1.17
N TRP B 53 4.97 6.13 1.24
CA TRP B 53 5.80 6.57 2.37
C TRP B 53 7.07 7.23 1.81
N PRO B 54 7.77 8.05 2.61
CA PRO B 54 8.97 8.74 2.05
C PRO B 54 10.19 7.88 2.24
N VAL B 55 10.38 6.97 1.29
CA VAL B 55 11.42 5.93 1.37
C VAL B 55 12.73 6.44 0.76
N LYS B 56 13.74 6.57 1.58
CA LYS B 56 15.05 7.06 1.11
C LYS B 56 16.08 5.96 0.89
N THR B 57 16.12 4.98 1.76
CA THR B 57 17.05 3.87 1.67
C THR B 57 16.32 2.53 1.93
N VAL B 58 16.60 1.50 1.14
N VAL B 58 16.52 1.58 1.00
CA VAL B 58 15.99 0.20 1.40
CA VAL B 58 16.12 0.20 1.21
C VAL B 58 17.12 -0.79 1.40
C VAL B 58 17.38 -0.62 1.51
N HIS B 59 17.26 -1.47 2.52
CA HIS B 59 18.24 -2.57 2.75
C HIS B 59 17.63 -3.87 2.36
N THR B 60 18.33 -4.64 1.48
CA THR B 60 17.73 -5.87 0.98
C THR B 60 18.69 -7.02 1.20
N ASP B 61 18.26 -8.23 0.85
CA ASP B 61 19.20 -9.30 1.02
C ASP B 61 20.24 -9.45 -0.09
N ASN B 62 20.12 -8.69 -1.18
CA ASN B 62 21.12 -8.60 -2.23
C ASN B 62 21.17 -9.87 -3.08
N GLY B 63 20.17 -10.76 -2.98
CA GLY B 63 20.18 -11.98 -3.82
C GLY B 63 19.68 -11.82 -5.21
N SER B 64 19.19 -12.90 -5.79
CA SER B 64 19.06 -13.02 -7.25
C SER B 64 18.17 -11.97 -7.88
N ASN B 65 17.14 -11.58 -7.17
CA ASN B 65 16.17 -10.62 -7.71
C ASN B 65 16.69 -9.13 -7.70
N PHE B 66 17.95 -8.97 -7.26
CA PHE B 66 18.57 -7.66 -7.19
C PHE B 66 19.75 -7.51 -8.10
N THR B 67 20.09 -8.54 -8.87
CA THR B 67 21.31 -8.48 -9.72
C THR B 67 21.00 -7.85 -11.11
N GLY B 68 19.71 -7.77 -11.45
CA GLY B 68 19.31 -7.44 -12.82
C GLY B 68 19.01 -5.94 -12.89
N ALA B 69 18.21 -5.59 -13.84
CA ALA B 69 18.05 -4.19 -14.11
C ALA B 69 16.83 -3.58 -13.48
N THR B 70 15.75 -4.35 -13.23
N THR B 70 15.90 -4.43 -13.06
CA THR B 70 14.49 -3.67 -12.91
CA THR B 70 14.58 -3.94 -12.89
C THR B 70 14.44 -3.06 -11.54
C THR B 70 14.33 -3.25 -11.59
N VAL B 71 14.91 -3.78 -10.52
CA VAL B 71 14.77 -3.18 -9.22
C VAL B 71 15.62 -1.85 -9.22
N ARG B 72 16.79 -1.92 -9.88
CA ARG B 72 17.72 -0.80 -9.85
C ARG B 72 17.04 0.42 -10.53
N ALA B 73 16.32 0.15 -11.59
CA ALA B 73 15.60 1.16 -12.44
C ALA B 73 14.47 1.76 -11.63
N ALA B 74 13.73 0.94 -10.89
CA ALA B 74 12.63 1.52 -10.08
C ALA B 74 13.16 2.33 -8.96
N CYS B 75 14.26 1.89 -8.32
CA CYS B 75 14.82 2.62 -7.20
C CYS B 75 15.43 3.94 -7.73
N ASP B 76 16.04 3.89 -8.91
CA ASP B 76 16.70 5.14 -9.48
C ASP B 76 15.57 6.17 -9.65
N TRP B 77 14.48 5.75 -10.23
CA TRP B 77 13.37 6.65 -10.63
C TRP B 77 12.74 7.23 -9.41
N ALA B 78 12.50 6.37 -8.39
CA ALA B 78 11.90 6.82 -7.15
C ALA B 78 12.86 7.52 -6.11
N GLY B 79 14.19 7.57 -6.40
CA GLY B 79 15.14 8.24 -5.57
C GLY B 79 15.44 7.45 -4.31
N ILE B 80 15.47 6.13 -4.45
CA ILE B 80 15.76 5.24 -3.34
C ILE B 80 17.18 4.72 -3.46
N LYS B 81 17.96 4.87 -2.39
CA LYS B 81 19.36 4.37 -2.35
C LYS B 81 19.35 2.91 -1.89
N GLN B 82 20.17 2.08 -2.52
CA GLN B 82 20.28 0.66 -2.05
C GLN B 82 21.54 0.36 -1.16
N GLU B 97 15.46 -12.28 11.39
CA GLU B 97 14.20 -12.71 10.83
C GLU B 97 13.16 -12.91 11.98
N SER B 98 13.17 -12.01 12.95
CA SER B 98 12.22 -12.11 14.06
C SER B 98 10.84 -11.70 13.56
N MET B 99 10.89 -10.73 12.65
CA MET B 99 9.72 -10.10 12.03
C MET B 99 8.99 -11.02 11.08
N ASN B 100 9.71 -11.74 10.22
CA ASN B 100 9.10 -12.90 9.50
C ASN B 100 8.45 -13.96 10.43
N LYS B 101 9.12 -14.33 11.52
CA LYS B 101 8.58 -15.30 12.48
C LYS B 101 7.29 -14.74 13.16
N GLU B 102 7.34 -13.47 13.57
CA GLU B 102 6.17 -12.86 14.22
C GLU B 102 5.00 -12.77 13.22
N LEU B 103 5.25 -12.28 12.02
CA LEU B 103 4.18 -12.27 11.03
C LEU B 103 3.65 -13.63 10.81
N LYS B 104 4.50 -14.64 10.72
CA LYS B 104 3.98 -15.96 10.48
C LYS B 104 3.08 -16.49 11.62
N LYS B 105 3.42 -16.10 12.83
CA LYS B 105 2.65 -16.43 14.02
C LYS B 105 1.21 -15.87 13.87
N ILE B 106 1.15 -14.61 13.45
CA ILE B 106 -0.14 -13.93 13.35
C ILE B 106 -0.85 -14.58 12.21
N ILE B 107 -0.19 -14.80 11.05
CA ILE B 107 -0.92 -15.48 9.97
C ILE B 107 -1.53 -16.81 10.39
N GLY B 108 -0.82 -17.58 11.18
CA GLY B 108 -1.40 -18.92 11.53
C GLY B 108 -2.65 -18.75 12.42
N GLN B 109 -2.73 -17.68 13.19
CA GLN B 109 -3.88 -17.45 14.06
C GLN B 109 -5.12 -16.99 13.30
N VAL B 110 -4.93 -16.44 12.11
CA VAL B 110 -6.10 -16.04 11.34
C VAL B 110 -6.31 -16.87 10.07
N ARG B 111 -5.36 -17.74 9.77
CA ARG B 111 -5.42 -18.49 8.52
C ARG B 111 -6.73 -19.18 8.17
N ASP B 112 -7.38 -19.82 9.17
CA ASP B 112 -8.60 -20.56 8.89
C ASP B 112 -9.81 -19.66 8.60
N GLN B 113 -9.67 -18.35 8.83
CA GLN B 113 -10.72 -17.36 8.54
C GLN B 113 -10.80 -16.85 7.11
N ALA B 114 -9.81 -17.19 6.30
CA ALA B 114 -9.75 -16.76 4.93
C ALA B 114 -9.55 -18.00 4.08
N GLU B 115 -10.19 -18.04 2.91
CA GLU B 115 -9.82 -19.09 1.93
C GLU B 115 -8.39 -18.83 1.44
N HIS B 116 -8.04 -17.59 1.08
CA HIS B 116 -6.75 -17.34 0.37
C HIS B 116 -5.64 -16.88 1.28
N LEU B 117 -4.42 -17.40 1.11
CA LEU B 117 -3.27 -16.93 1.93
C LEU B 117 -3.18 -15.39 1.82
N LYS B 118 -3.33 -14.83 0.61
CA LYS B 118 -3.16 -13.37 0.47
C LYS B 118 -4.03 -12.58 1.44
N THR B 119 -5.29 -13.00 1.60
CA THR B 119 -6.16 -12.39 2.61
C THR B 119 -5.66 -12.52 4.04
N ALA B 120 -5.24 -13.74 4.47
CA ALA B 120 -4.66 -13.93 5.78
C ALA B 120 -3.44 -13.02 6.01
N VAL B 121 -2.59 -12.87 4.99
CA VAL B 121 -1.43 -11.99 5.11
C VAL B 121 -1.90 -10.58 5.46
N GLN B 122 -2.90 -10.07 4.74
CA GLN B 122 -3.29 -8.72 5.00
C GLN B 122 -3.96 -8.57 6.39
N MET B 123 -4.67 -9.63 6.89
CA MET B 123 -5.28 -9.54 8.22
C MET B 123 -4.16 -9.45 9.24
N ALA B 124 -3.06 -10.15 8.95
CA ALA B 124 -1.92 -10.17 9.85
C ALA B 124 -1.17 -8.88 9.87
N VAL B 125 -1.02 -8.25 8.69
CA VAL B 125 -0.45 -6.92 8.63
C VAL B 125 -1.31 -5.95 9.49
N PHE B 126 -2.64 -5.98 9.31
CA PHE B 126 -3.55 -5.16 10.10
C PHE B 126 -3.31 -5.39 11.63
N ILE B 127 -3.31 -6.65 12.05
CA ILE B 127 -3.12 -6.94 13.51
C ILE B 127 -1.77 -6.41 13.98
N HIS B 128 -0.73 -6.75 13.22
CA HIS B 128 0.63 -6.29 13.58
C HIS B 128 0.75 -4.75 13.73
N ASN B 129 0.23 -4.05 12.77
CA ASN B 129 0.34 -2.58 12.72
C ASN B 129 -0.54 -1.83 13.71
N HIS B 130 -1.62 -2.44 14.15
CA HIS B 130 -2.57 -1.79 15.03
C HIS B 130 -2.50 -2.25 16.47
N LYS B 131 -1.81 -3.35 16.77
CA LYS B 131 -1.81 -3.89 18.17
C LYS B 131 -1.17 -2.86 19.05
N ARG B 132 -1.75 -2.64 20.24
CA ARG B 132 -1.12 -1.70 21.23
C ARG B 132 0.10 -2.30 21.97
N LYS B 133 1.25 -1.63 21.90
CA LYS B 133 2.48 -2.17 22.52
C LYS B 133 3.01 -1.25 23.61
N GLY B 138 2.01 1.72 24.95
CA GLY B 138 1.31 2.93 24.56
C GLY B 138 0.79 2.94 23.12
N TYR B 139 1.72 3.01 22.16
CA TYR B 139 1.42 3.21 20.74
C TYR B 139 1.51 1.93 19.89
N SER B 140 0.79 1.92 18.80
CA SER B 140 0.98 0.80 17.85
C SER B 140 2.05 1.24 16.83
N ALA B 141 2.46 0.29 15.97
CA ALA B 141 3.48 0.60 14.93
C ALA B 141 2.99 1.66 13.98
N GLY B 142 1.69 1.59 13.67
CA GLY B 142 1.05 2.56 12.80
C GLY B 142 1.12 3.94 13.39
N GLU B 143 0.92 4.08 14.71
CA GLU B 143 1.06 5.36 15.40
C GLU B 143 2.49 5.82 15.42
N ARG B 144 3.42 4.90 15.69
CA ARG B 144 4.86 5.17 15.74
C ARG B 144 5.38 5.70 14.40
N ILE B 145 4.98 5.10 13.28
CA ILE B 145 5.52 5.57 12.01
C ILE B 145 5.04 6.95 11.69
N VAL B 146 3.79 7.24 11.94
CA VAL B 146 3.29 8.56 11.56
C VAL B 146 3.93 9.63 12.47
N ASP B 147 4.06 9.31 13.74
CA ASP B 147 4.71 10.26 14.68
C ASP B 147 6.20 10.54 14.29
N ILE B 148 6.97 9.48 13.98
CA ILE B 148 8.37 9.63 13.53
C ILE B 148 8.46 10.50 12.25
N ILE B 149 7.66 10.20 11.22
CA ILE B 149 7.68 10.97 9.98
C ILE B 149 7.16 12.41 10.15
N ALA B 150 6.10 12.60 10.95
CA ALA B 150 5.57 13.98 11.13
C ALA B 150 6.60 14.94 11.77
N THR B 151 7.29 14.45 12.79
CA THR B 151 8.42 15.11 13.47
C THR B 151 9.56 15.44 12.54
N ASP B 152 10.02 14.47 11.79
CA ASP B 152 11.00 14.73 10.80
C ASP B 152 10.63 15.79 9.78
N ILE B 153 9.35 15.98 9.44
CA ILE B 153 8.96 16.99 8.42
C ILE B 153 9.45 18.45 8.69
N GLN B 154 9.86 18.82 9.92
CA GLN B 154 10.53 20.15 10.16
C GLN B 154 12.06 20.15 10.50
N PRO C 1 -18.06 -19.52 3.52
CA PRO C 1 -18.18 -19.30 4.94
C PRO C 1 -17.05 -18.41 5.49
N LYS C 2 -16.02 -18.20 4.67
CA LYS C 2 -14.89 -17.39 5.09
C LYS C 2 -14.92 -15.94 4.61
N ILE C 3 -14.05 -15.14 5.19
CA ILE C 3 -14.04 -13.68 5.00
C ILE C 3 -13.99 -13.23 3.57
N ASP C 4 -13.24 -13.96 2.75
CA ASP C 4 -13.03 -13.65 1.36
C ASP C 4 -13.84 -14.50 0.34
N ASN C 5 -14.61 -15.46 0.83
CA ASN C 5 -15.35 -16.31 -0.09
C ASN C 5 -16.10 -17.39 0.64
N PRO D 1 13.36 -2.16 -22.51
CA PRO D 1 13.87 -0.81 -22.35
C PRO D 1 13.03 0.03 -21.34
N LYS D 2 11.77 -0.36 -21.19
CA LYS D 2 10.85 0.30 -20.28
C LYS D 2 11.26 0.04 -18.82
N ILE D 3 10.63 0.71 -17.87
CA ILE D 3 11.01 0.62 -16.46
C ILE D 3 10.81 -0.75 -15.85
N ASP D 4 9.78 -1.43 -16.28
CA ASP D 4 9.41 -2.71 -15.75
C ASP D 4 9.79 -3.91 -16.61
N ASN D 5 10.16 -3.70 -17.87
CA ASN D 5 10.42 -4.84 -18.72
C ASN D 5 11.13 -4.39 -19.97
#